data_8V2X
#
_entry.id   8V2X
#
_cell.length_a   46.205
_cell.length_b   59.535
_cell.length_c   114.789
_cell.angle_alpha   90.00
_cell.angle_beta   90.00
_cell.angle_gamma   90.00
#
_symmetry.space_group_name_H-M   'P 2 21 21'
#
loop_
_entity.id
_entity.type
_entity.pdbx_description
1 polymer 'Triosephosphate isomerase'
2 water water
#
_entity_poly.entity_id   1
_entity_poly.type   'polypeptide(L)'
_entity_poly.pdbx_seq_one_letter_code
;MGSSHHHHHHSSGLVPRGSHMARKFFVGGNWKMNGTQESIKSLVETLNANNLDNKVEVVIAPPAVYLPQVRQQLRKDIQV
AAQNCYTKGSGAFTGEISPEMLKDLGIPWVILGHSERRNIFGESDELVAEKVKHALEAGLKVIFCIGETLEEREAGKTTE
VVARQLKAIAKKISESDWSKVVIAYEPVWAIGTGKVATPEQAQEVHAAIRKWLASNVSAEVAESTRIIYGGSVNGSNCAE
LAKQPDIDGFLVGGASLKPEFVDIINAKKQ
;
_entity_poly.pdbx_strand_id   A
#
# COMPACT_ATOMS: atom_id res chain seq x y z
N MET A 21 19.88 -7.29 -6.02
CA MET A 21 19.70 -5.85 -5.67
C MET A 21 18.92 -5.72 -4.35
N ALA A 22 19.34 -4.80 -3.48
CA ALA A 22 18.55 -4.56 -2.25
C ALA A 22 17.16 -4.06 -2.67
N ARG A 23 16.15 -4.42 -1.89
CA ARG A 23 14.80 -3.89 -2.15
C ARG A 23 14.76 -2.42 -1.74
N LYS A 24 14.22 -1.57 -2.61
CA LYS A 24 14.12 -0.15 -2.32
C LYS A 24 13.04 0.10 -1.28
N PHE A 25 13.41 0.78 -0.20
CA PHE A 25 12.47 1.10 0.86
C PHE A 25 11.32 1.93 0.31
N PHE A 26 10.13 1.59 0.79
CA PHE A 26 8.89 2.16 0.21
C PHE A 26 7.98 2.66 1.31
N VAL A 27 7.51 3.90 1.18
CA VAL A 27 6.56 4.45 2.16
C VAL A 27 5.37 5.03 1.41
N GLY A 28 4.18 4.52 1.70
CA GLY A 28 2.93 5.02 1.14
C GLY A 28 2.12 5.73 2.20
N GLY A 29 1.47 6.83 1.81
CA GLY A 29 0.57 7.55 2.67
C GLY A 29 -0.85 7.46 2.15
N ASN A 30 -1.74 6.88 2.94
CA ASN A 30 -3.14 6.72 2.55
C ASN A 30 -3.95 7.72 3.33
N TRP A 31 -4.41 8.79 2.67
CA TRP A 31 -5.16 9.82 3.36
C TRP A 31 -6.59 9.40 3.68
N LYS A 32 -7.07 8.30 3.10
CA LYS A 32 -8.44 7.83 3.31
C LYS A 32 -9.41 8.95 2.92
N MET A 33 -10.57 9.01 3.57
CA MET A 33 -11.61 9.98 3.20
C MET A 33 -11.42 11.26 4.02
N ASN A 34 -10.35 11.98 3.70
CA ASN A 34 -9.98 13.18 4.44
C ASN A 34 -9.39 14.19 3.48
N GLY A 35 -9.78 15.44 3.64
CA GLY A 35 -9.17 16.51 2.87
C GLY A 35 -10.15 17.50 2.27
N THR A 36 -9.70 18.73 2.13
CA THR A 36 -10.32 19.77 1.32
C THR A 36 -9.22 20.33 0.42
N GLN A 37 -9.61 21.15 -0.55
CA GLN A 37 -8.60 21.80 -1.41
C GLN A 37 -7.53 22.50 -0.57
N GLU A 38 -7.96 23.24 0.44
N GLU A 38 -7.96 23.25 0.43
CA GLU A 38 -6.99 24.04 1.23
CA GLU A 38 -7.01 24.06 1.25
C GLU A 38 -6.14 23.13 2.11
C GLU A 38 -6.14 23.15 2.12
N SER A 39 -6.75 22.17 2.79
CA SER A 39 -5.97 21.33 3.69
C SER A 39 -4.99 20.45 2.92
N ILE A 40 -5.39 19.99 1.74
CA ILE A 40 -4.50 19.17 0.92
C ILE A 40 -3.36 20.02 0.36
N LYS A 41 -3.64 21.25 -0.03
CA LYS A 41 -2.57 22.16 -0.49
C LYS A 41 -1.54 22.35 0.64
N SER A 42 -1.99 22.33 1.89
N SER A 42 -1.96 22.35 1.88
CA SER A 42 -1.05 22.46 3.02
CA SER A 42 -1.03 22.46 2.99
C SER A 42 -0.23 21.18 3.18
C SER A 42 -0.24 21.17 3.19
N LEU A 43 -0.87 20.02 3.11
N LEU A 43 -0.88 20.01 3.07
CA LEU A 43 -0.15 18.73 3.23
CA LEU A 43 -0.17 18.72 3.24
C LEU A 43 0.94 18.66 2.16
C LEU A 43 0.91 18.61 2.16
N VAL A 44 0.56 18.98 0.93
CA VAL A 44 1.52 18.91 -0.20
C VAL A 44 2.65 19.92 -0.03
N GLU A 45 2.33 21.09 0.45
N GLU A 45 2.33 21.13 0.44
CA GLU A 45 3.39 22.10 0.66
CA GLU A 45 3.40 22.14 0.67
C GLU A 45 4.39 21.61 1.73
C GLU A 45 4.40 21.59 1.71
N THR A 46 3.94 20.81 2.68
CA THR A 46 4.90 20.35 3.70
C THR A 46 5.78 19.25 3.10
N LEU A 47 5.19 18.37 2.33
CA LEU A 47 6.00 17.37 1.63
C LEU A 47 6.98 18.03 0.67
N ASN A 48 6.55 19.07 -0.02
CA ASN A 48 7.42 19.73 -1.02
C ASN A 48 8.63 20.40 -0.34
N ALA A 49 8.51 20.76 0.92
CA ALA A 49 9.58 21.51 1.62
C ALA A 49 10.42 20.60 2.52
N ASN A 50 10.12 19.32 2.57
CA ASN A 50 10.93 18.52 3.51
C ASN A 50 12.02 17.75 2.78
N ASN A 51 13.10 17.49 3.52
CA ASN A 51 14.24 16.72 2.99
C ASN A 51 13.96 15.25 3.25
N LEU A 52 13.70 14.55 2.17
CA LEU A 52 13.34 13.14 2.25
C LEU A 52 14.53 12.30 1.80
N ASP A 53 14.79 11.22 2.54
CA ASP A 53 15.82 10.25 2.17
C ASP A 53 15.64 9.89 0.71
N ASN A 54 16.61 10.24 -0.15
CA ASN A 54 16.41 10.02 -1.58
C ASN A 54 16.49 8.55 -1.99
N LYS A 55 16.77 7.65 -1.06
N LYS A 55 16.77 7.65 -1.06
CA LYS A 55 16.73 6.22 -1.36
CA LYS A 55 16.73 6.22 -1.34
C LYS A 55 15.35 5.62 -1.14
C LYS A 55 15.35 5.62 -1.14
N VAL A 56 14.38 6.41 -0.69
CA VAL A 56 13.04 5.92 -0.36
C VAL A 56 12.08 6.26 -1.49
N GLU A 57 11.29 5.28 -1.90
CA GLU A 57 10.20 5.48 -2.85
C GLU A 57 8.95 5.87 -2.07
N VAL A 58 8.38 7.03 -2.37
CA VAL A 58 7.24 7.58 -1.62
C VAL A 58 6.05 7.71 -2.55
N VAL A 59 4.88 7.28 -2.08
CA VAL A 59 3.63 7.33 -2.83
C VAL A 59 2.56 7.88 -1.89
N ILE A 60 1.69 8.75 -2.43
N ILE A 60 1.74 8.82 -2.37
CA ILE A 60 0.65 9.43 -1.68
CA ILE A 60 0.65 9.33 -1.56
C ILE A 60 -0.68 9.12 -2.33
C ILE A 60 -0.67 9.16 -2.28
N ALA A 61 -1.69 8.77 -1.53
CA ALA A 61 -3.02 8.42 -2.05
C ALA A 61 -4.10 9.35 -1.53
N PRO A 62 -4.44 10.40 -2.26
CA PRO A 62 -5.54 11.29 -1.85
C PRO A 62 -6.87 10.73 -2.27
N PRO A 63 -7.98 11.30 -1.78
CA PRO A 63 -9.29 10.96 -2.35
C PRO A 63 -9.32 11.25 -3.84
N ALA A 64 -10.15 10.48 -4.55
CA ALA A 64 -10.08 10.45 -6.02
C ALA A 64 -10.34 11.83 -6.62
N VAL A 65 -11.26 12.61 -6.04
CA VAL A 65 -11.59 13.92 -6.60
C VAL A 65 -10.45 14.92 -6.46
N TYR A 66 -9.46 14.63 -5.61
CA TYR A 66 -8.30 15.50 -5.44
C TYR A 66 -7.07 14.99 -6.14
N LEU A 67 -7.19 13.91 -6.91
CA LEU A 67 -6.04 13.40 -7.66
C LEU A 67 -5.47 14.44 -8.62
N PRO A 68 -6.29 15.17 -9.40
CA PRO A 68 -5.69 16.19 -10.27
C PRO A 68 -4.96 17.28 -9.51
N GLN A 69 -5.54 17.77 -8.40
CA GLN A 69 -4.87 18.81 -7.63
C GLN A 69 -3.54 18.31 -7.09
N VAL A 70 -3.53 17.12 -6.55
CA VAL A 70 -2.28 16.61 -5.93
C VAL A 70 -1.22 16.34 -6.99
N ARG A 71 -1.58 15.73 -8.12
CA ARG A 71 -0.56 15.46 -9.18
C ARG A 71 0.01 16.79 -9.67
N GLN A 72 -0.85 17.78 -9.83
CA GLN A 72 -0.32 19.13 -10.19
CA GLN A 72 -0.32 19.13 -10.19
C GLN A 72 0.64 19.84 -9.19
N GLN A 73 0.26 19.77 -7.94
CA GLN A 73 1.02 20.52 -6.90
C GLN A 73 2.18 19.77 -6.26
N LEU A 74 2.21 18.46 -6.34
CA LEU A 74 3.19 17.68 -5.58
C LEU A 74 4.50 17.55 -6.33
N ARG A 75 5.62 17.66 -5.59
CA ARG A 75 6.94 17.40 -6.13
C ARG A 75 6.95 16.08 -6.90
N LYS A 76 7.61 16.08 -8.06
CA LYS A 76 7.48 14.95 -9.02
C LYS A 76 8.27 13.69 -8.66
N ASP A 77 9.11 13.78 -7.66
CA ASP A 77 9.77 12.56 -7.20
C ASP A 77 8.90 11.74 -6.26
N ILE A 78 7.73 12.25 -5.86
CA ILE A 78 6.74 11.47 -5.12
C ILE A 78 5.60 11.17 -6.08
N GLN A 79 5.21 9.90 -6.16
N GLN A 79 5.25 9.89 -6.22
CA GLN A 79 4.19 9.45 -7.08
CA GLN A 79 4.18 9.52 -7.14
C GLN A 79 2.83 9.42 -6.38
C GLN A 79 2.85 9.42 -6.39
N VAL A 80 1.77 9.50 -7.17
CA VAL A 80 0.42 9.57 -6.63
C VAL A 80 -0.32 8.25 -6.88
N ALA A 81 -1.19 7.90 -5.94
CA ALA A 81 -1.99 6.68 -6.02
C ALA A 81 -3.46 7.01 -5.81
N ALA A 82 -4.32 6.26 -6.48
CA ALA A 82 -5.72 6.22 -6.08
C ALA A 82 -5.90 5.21 -4.95
N GLN A 83 -7.00 5.37 -4.21
CA GLN A 83 -7.31 4.51 -3.07
C GLN A 83 -8.13 3.28 -3.46
N ASN A 84 -8.59 3.19 -4.71
CA ASN A 84 -9.42 2.10 -5.17
C ASN A 84 -9.68 2.31 -6.65
N CYS A 85 -10.00 1.21 -7.35
CA CYS A 85 -10.56 1.25 -8.69
C CYS A 85 -11.34 -0.04 -8.90
N TYR A 86 -12.01 -0.14 -10.04
CA TYR A 86 -12.85 -1.30 -10.34
C TYR A 86 -12.11 -2.29 -11.24
N THR A 87 -12.81 -3.32 -11.71
CA THR A 87 -12.21 -4.47 -12.37
C THR A 87 -12.23 -4.41 -13.89
N LYS A 88 -12.87 -3.39 -14.47
CA LYS A 88 -13.11 -3.34 -15.91
C LYS A 88 -12.54 -2.06 -16.49
N GLY A 89 -12.39 -2.04 -17.81
CA GLY A 89 -11.86 -0.87 -18.47
C GLY A 89 -12.85 0.25 -18.63
N SER A 90 -14.13 -0.09 -18.78
CA SER A 90 -15.18 0.90 -18.98
C SER A 90 -16.51 0.17 -18.80
N GLY A 91 -17.58 0.94 -18.68
CA GLY A 91 -18.89 0.33 -18.77
C GLY A 91 -19.87 0.91 -17.78
N ALA A 92 -20.97 0.17 -17.62
CA ALA A 92 -22.14 0.66 -16.89
C ALA A 92 -21.98 0.35 -15.40
N PHE A 93 -21.10 1.11 -14.75
CA PHE A 93 -20.75 0.94 -13.35
C PHE A 93 -20.76 2.31 -12.68
N THR A 94 -21.97 2.84 -12.50
CA THR A 94 -22.14 4.16 -11.92
C THR A 94 -21.38 4.26 -10.61
N GLY A 95 -20.52 5.27 -10.52
CA GLY A 95 -19.74 5.51 -9.33
C GLY A 95 -18.37 4.87 -9.28
N GLU A 96 -18.02 4.09 -10.29
CA GLU A 96 -16.72 3.40 -10.29
C GLU A 96 -15.74 4.00 -11.27
N ILE A 97 -14.45 3.91 -10.95
N ILE A 97 -14.44 3.88 -10.97
CA ILE A 97 -13.41 4.42 -11.89
CA ILE A 97 -13.40 4.44 -11.87
C ILE A 97 -12.57 3.24 -12.36
C ILE A 97 -12.52 3.28 -12.34
N SER A 98 -12.06 3.34 -13.59
CA SER A 98 -11.21 2.28 -14.14
C SER A 98 -9.73 2.60 -13.93
N PRO A 99 -8.85 1.59 -13.84
CA PRO A 99 -7.42 1.91 -13.82
C PRO A 99 -6.96 2.59 -15.10
N GLU A 100 -7.66 2.38 -16.20
CA GLU A 100 -7.37 3.10 -17.45
C GLU A 100 -7.51 4.61 -17.26
N MET A 101 -8.52 5.04 -16.51
CA MET A 101 -8.68 6.47 -16.24
C MET A 101 -7.50 7.00 -15.41
N LEU A 102 -7.06 6.23 -14.43
CA LEU A 102 -5.91 6.62 -13.63
C LEU A 102 -4.66 6.77 -14.49
N LYS A 103 -4.39 5.78 -15.34
CA LYS A 103 -3.27 5.87 -16.26
C LYS A 103 -3.39 7.10 -17.14
N ASP A 104 -4.61 7.34 -17.67
CA ASP A 104 -4.86 8.49 -18.53
C ASP A 104 -4.54 9.80 -17.84
N LEU A 105 -4.77 9.89 -16.54
CA LEU A 105 -4.53 11.11 -15.77
C LEU A 105 -3.13 11.17 -15.16
N GLY A 106 -2.27 10.21 -15.49
CA GLY A 106 -0.93 10.22 -14.94
C GLY A 106 -0.86 9.84 -13.47
N ILE A 107 -1.76 8.98 -13.02
CA ILE A 107 -1.75 8.47 -11.64
C ILE A 107 -1.19 7.06 -11.72
N PRO A 108 0.06 6.81 -11.33
CA PRO A 108 0.70 5.53 -11.65
C PRO A 108 0.38 4.38 -10.71
N TRP A 109 -0.19 4.64 -9.53
CA TRP A 109 -0.38 3.63 -8.49
C TRP A 109 -1.85 3.54 -8.09
N VAL A 110 -2.22 2.39 -7.54
CA VAL A 110 -3.52 2.21 -6.90
C VAL A 110 -3.36 1.30 -5.70
N ILE A 111 -4.06 1.64 -4.60
CA ILE A 111 -4.17 0.77 -3.43
C ILE A 111 -5.38 -0.11 -3.63
N LEU A 112 -5.22 -1.42 -3.45
CA LEU A 112 -6.31 -2.36 -3.65
C LEU A 112 -6.40 -3.33 -2.48
N GLY A 113 -7.62 -3.66 -2.09
CA GLY A 113 -7.84 -4.64 -1.04
C GLY A 113 -7.60 -4.13 0.37
N HIS A 114 -7.61 -2.81 0.59
CA HIS A 114 -7.51 -2.31 1.96
C HIS A 114 -8.60 -2.93 2.82
N SER A 115 -8.30 -3.11 4.11
CA SER A 115 -9.21 -3.80 5.01
C SER A 115 -10.55 -3.09 5.07
N GLU A 116 -10.56 -1.76 5.00
CA GLU A 116 -11.84 -1.05 5.03
C GLU A 116 -12.71 -1.42 3.83
N ARG A 117 -12.10 -1.73 2.69
CA ARG A 117 -12.91 -2.15 1.54
C ARG A 117 -13.30 -3.61 1.62
N ARG A 118 -12.43 -4.46 2.17
CA ARG A 118 -12.81 -5.85 2.37
C ARG A 118 -13.95 -5.98 3.37
N ASN A 119 -13.99 -5.10 4.36
N ASN A 119 -13.98 -5.11 4.37
CA ASN A 119 -15.00 -5.21 5.43
CA ASN A 119 -14.99 -5.21 5.44
C ASN A 119 -16.25 -4.40 5.10
C ASN A 119 -16.25 -4.40 5.09
N ILE A 120 -16.12 -3.08 5.07
CA ILE A 120 -17.30 -2.23 4.88
C ILE A 120 -17.95 -2.48 3.54
N PHE A 121 -17.14 -2.69 2.50
CA PHE A 121 -17.66 -2.83 1.16
C PHE A 121 -17.58 -4.27 0.64
N GLY A 122 -17.28 -5.21 1.52
CA GLY A 122 -17.43 -6.63 1.22
C GLY A 122 -16.57 -7.15 0.08
N GLU A 123 -15.42 -6.54 -0.19
CA GLU A 123 -14.57 -7.01 -1.27
C GLU A 123 -13.92 -8.33 -0.88
N SER A 124 -14.18 -9.37 -1.66
CA SER A 124 -13.66 -10.70 -1.37
C SER A 124 -12.22 -10.82 -1.85
N ASP A 125 -11.53 -11.88 -1.40
CA ASP A 125 -10.19 -12.17 -1.90
C ASP A 125 -10.18 -12.22 -3.42
N GLU A 126 -11.20 -12.82 -4.03
CA GLU A 126 -11.25 -13.00 -5.51
C GLU A 126 -11.54 -11.67 -6.21
N LEU A 127 -12.37 -10.82 -5.60
CA LEU A 127 -12.60 -9.51 -6.20
C LEU A 127 -11.33 -8.67 -6.16
N VAL A 128 -10.63 -8.68 -5.03
CA VAL A 128 -9.36 -7.97 -4.94
C VAL A 128 -8.40 -8.49 -6.01
N ALA A 129 -8.33 -9.82 -6.17
CA ALA A 129 -7.45 -10.41 -7.18
C ALA A 129 -7.79 -9.92 -8.58
N GLU A 130 -9.08 -9.84 -8.90
CA GLU A 130 -9.48 -9.36 -10.22
C GLU A 130 -9.10 -7.89 -10.40
N LYS A 131 -9.23 -7.09 -9.33
CA LYS A 131 -8.82 -5.69 -9.41
C LYS A 131 -7.32 -5.57 -9.63
N VAL A 132 -6.53 -6.38 -8.93
CA VAL A 132 -5.08 -6.32 -9.09
C VAL A 132 -4.69 -6.67 -10.51
N LYS A 133 -5.27 -7.76 -11.03
N LYS A 133 -5.28 -7.75 -11.03
N LYS A 133 -5.27 -7.77 -11.03
CA LYS A 133 -4.93 -8.21 -12.41
CA LYS A 133 -4.92 -8.20 -12.40
CA LYS A 133 -4.93 -8.21 -12.41
C LYS A 133 -5.25 -7.13 -13.44
C LYS A 133 -5.23 -7.07 -13.40
C LYS A 133 -5.25 -7.12 -13.44
N HIS A 134 -6.46 -6.55 -13.37
CA HIS A 134 -6.86 -5.51 -14.33
C HIS A 134 -6.03 -4.23 -14.22
N ALA A 135 -5.72 -3.81 -12.99
CA ALA A 135 -4.91 -2.60 -12.79
C ALA A 135 -3.53 -2.81 -13.43
N LEU A 136 -2.95 -3.99 -13.22
CA LEU A 136 -1.67 -4.26 -13.87
C LEU A 136 -1.80 -4.26 -15.39
N GLU A 137 -2.88 -4.88 -15.92
CA GLU A 137 -3.12 -4.88 -17.35
C GLU A 137 -3.22 -3.47 -17.91
N ALA A 138 -3.84 -2.56 -17.16
CA ALA A 138 -4.02 -1.17 -17.55
C ALA A 138 -2.75 -0.34 -17.40
N GLY A 139 -1.66 -0.92 -16.90
CA GLY A 139 -0.39 -0.22 -16.79
C GLY A 139 -0.11 0.42 -15.46
N LEU A 140 -0.89 0.12 -14.42
CA LEU A 140 -0.64 0.69 -13.11
C LEU A 140 0.29 -0.20 -12.29
N LYS A 141 0.85 0.39 -11.25
N LYS A 141 0.84 0.39 -11.24
CA LYS A 141 1.50 -0.34 -10.17
CA LYS A 141 1.50 -0.34 -10.17
C LYS A 141 0.52 -0.42 -9.01
C LYS A 141 0.54 -0.41 -8.99
N VAL A 142 0.62 -1.50 -8.23
CA VAL A 142 -0.40 -1.82 -7.23
C VAL A 142 0.22 -1.98 -5.84
N ILE A 143 -0.34 -1.29 -4.86
CA ILE A 143 -0.16 -1.63 -3.45
C ILE A 143 -1.32 -2.54 -3.05
N PHE A 144 -1.01 -3.81 -2.79
CA PHE A 144 -1.99 -4.86 -2.54
C PHE A 144 -1.99 -5.16 -1.04
N CYS A 145 -3.15 -5.03 -0.41
CA CYS A 145 -3.23 -5.07 1.05
C CYS A 145 -3.75 -6.44 1.50
N ILE A 146 -3.13 -7.00 2.54
CA ILE A 146 -3.53 -8.26 3.16
C ILE A 146 -3.43 -8.08 4.67
N GLY A 147 -4.00 -9.03 5.42
CA GLY A 147 -3.93 -8.92 6.87
C GLY A 147 -5.04 -9.66 7.59
N GLU A 148 -4.77 -10.07 8.83
CA GLU A 148 -5.66 -10.92 9.59
C GLU A 148 -6.47 -10.11 10.61
N THR A 149 -7.62 -10.66 10.98
CA THR A 149 -8.47 -10.02 11.98
C THR A 149 -7.93 -10.29 13.38
N LEU A 150 -8.50 -9.57 14.35
CA LEU A 150 -8.15 -9.82 15.74
C LEU A 150 -8.38 -11.27 16.12
N GLU A 151 -9.52 -11.84 15.72
CA GLU A 151 -9.82 -13.22 16.06
CA GLU A 151 -9.81 -13.23 16.06
C GLU A 151 -8.81 -14.17 15.42
N GLU A 152 -8.46 -13.94 14.16
CA GLU A 152 -7.49 -14.80 13.48
C GLU A 152 -6.14 -14.73 14.16
N ARG A 153 -5.73 -13.53 14.58
CA ARG A 153 -4.50 -13.37 15.34
C ARG A 153 -4.56 -14.15 16.65
N GLU A 154 -5.66 -13.98 17.40
CA GLU A 154 -5.81 -14.68 18.67
C GLU A 154 -5.85 -16.20 18.49
N ALA A 155 -6.36 -16.67 17.35
CA ALA A 155 -6.41 -18.09 17.06
C ALA A 155 -5.07 -18.64 16.60
N GLY A 156 -4.07 -17.79 16.41
CA GLY A 156 -2.79 -18.26 15.93
C GLY A 156 -2.76 -18.58 14.46
N LYS A 157 -3.65 -17.99 13.67
CA LYS A 157 -3.83 -18.37 12.26
C LYS A 157 -3.35 -17.29 11.28
N THR A 158 -2.57 -16.32 11.73
CA THR A 158 -2.16 -15.21 10.84
C THR A 158 -1.51 -15.74 9.55
N THR A 159 -0.64 -16.74 9.67
CA THR A 159 0.10 -17.24 8.51
C THR A 159 -0.82 -17.89 7.47
N GLU A 160 -1.84 -18.60 7.94
N GLU A 160 -1.84 -18.60 7.94
CA GLU A 160 -2.80 -19.29 7.03
CA GLU A 160 -2.79 -19.28 7.02
C GLU A 160 -3.69 -18.25 6.34
C GLU A 160 -3.68 -18.25 6.34
N VAL A 161 -3.98 -17.16 7.04
CA VAL A 161 -4.85 -16.10 6.46
C VAL A 161 -4.07 -15.36 5.38
N VAL A 162 -2.85 -14.89 5.70
CA VAL A 162 -2.13 -14.16 4.66
C VAL A 162 -1.83 -15.07 3.47
N ALA A 163 -1.54 -16.35 3.73
CA ALA A 163 -1.32 -17.28 2.62
C ALA A 163 -2.56 -17.37 1.74
N ARG A 164 -3.74 -17.43 2.35
CA ARG A 164 -4.97 -17.51 1.56
C ARG A 164 -5.18 -16.23 0.75
N GLN A 165 -4.93 -15.07 1.35
CA GLN A 165 -5.13 -13.81 0.63
C GLN A 165 -4.13 -13.65 -0.50
N LEU A 166 -2.89 -14.08 -0.29
CA LEU A 166 -1.87 -14.04 -1.35
C LEU A 166 -2.22 -15.00 -2.47
N LYS A 167 -2.66 -16.21 -2.12
CA LYS A 167 -2.93 -17.23 -3.13
C LYS A 167 -3.98 -16.74 -4.13
N ALA A 168 -4.98 -15.99 -3.66
CA ALA A 168 -6.01 -15.50 -4.56
C ALA A 168 -5.43 -14.58 -5.63
N ILE A 169 -4.49 -13.72 -5.24
CA ILE A 169 -3.86 -12.84 -6.23
C ILE A 169 -2.94 -13.63 -7.15
N ALA A 170 -2.18 -14.57 -6.60
CA ALA A 170 -1.29 -15.38 -7.43
C ALA A 170 -2.06 -16.18 -8.47
N LYS A 171 -3.30 -16.58 -8.17
CA LYS A 171 -4.09 -17.34 -9.13
C LYS A 171 -4.44 -16.50 -10.36
N LYS A 172 -4.41 -15.18 -10.24
CA LYS A 172 -4.87 -14.29 -11.35
C LYS A 172 -3.70 -13.54 -12.02
N ILE A 173 -2.56 -13.40 -11.36
CA ILE A 173 -1.46 -12.65 -11.96
C ILE A 173 -0.30 -13.59 -12.25
N SER A 174 0.55 -13.17 -13.18
CA SER A 174 1.70 -13.95 -13.59
C SER A 174 2.91 -13.65 -12.71
N GLU A 175 3.93 -14.52 -12.83
CA GLU A 175 5.17 -14.28 -12.10
C GLU A 175 5.74 -12.90 -12.42
N SER A 176 5.77 -12.54 -13.70
CA SER A 176 6.33 -11.25 -14.08
C SER A 176 5.46 -10.09 -13.57
N ASP A 177 4.16 -10.32 -13.39
CA ASP A 177 3.29 -9.25 -12.91
C ASP A 177 3.70 -8.73 -11.53
N TRP A 178 4.31 -9.57 -10.70
CA TRP A 178 4.67 -9.16 -9.34
C TRP A 178 5.69 -8.02 -9.31
N SER A 179 6.42 -7.78 -10.40
CA SER A 179 7.42 -6.71 -10.40
C SER A 179 6.80 -5.33 -10.15
N LYS A 180 5.53 -5.17 -10.51
CA LYS A 180 4.82 -3.88 -10.30
C LYS A 180 3.85 -3.94 -9.11
N VAL A 181 4.09 -4.83 -8.14
CA VAL A 181 3.26 -4.97 -6.95
C VAL A 181 4.11 -4.70 -5.71
N VAL A 182 3.52 -4.01 -4.74
CA VAL A 182 4.05 -3.91 -3.38
C VAL A 182 3.00 -4.52 -2.47
N ILE A 183 3.42 -5.43 -1.59
CA ILE A 183 2.51 -6.06 -0.65
C ILE A 183 2.48 -5.25 0.63
N ALA A 184 1.28 -4.84 1.06
CA ALA A 184 1.11 -4.14 2.34
C ALA A 184 0.44 -5.10 3.31
N TYR A 185 1.18 -5.50 4.34
CA TYR A 185 0.64 -6.31 5.42
C TYR A 185 0.16 -5.38 6.53
N GLU A 186 -1.14 -5.41 6.81
CA GLU A 186 -1.73 -4.62 7.89
C GLU A 186 -2.58 -5.52 8.77
N PRO A 187 -2.15 -5.82 9.99
CA PRO A 187 -3.06 -6.52 10.91
C PRO A 187 -4.29 -5.64 11.12
N VAL A 188 -5.48 -6.23 10.96
CA VAL A 188 -6.68 -5.40 11.03
C VAL A 188 -6.78 -4.70 12.38
N TRP A 189 -6.39 -5.42 13.44
CA TRP A 189 -6.44 -4.90 14.80
C TRP A 189 -5.45 -3.76 15.04
N ALA A 190 -4.53 -3.50 14.10
CA ALA A 190 -3.57 -2.42 14.21
C ALA A 190 -3.97 -1.18 13.42
N ILE A 191 -5.04 -1.25 12.64
CA ILE A 191 -5.41 -0.16 11.73
C ILE A 191 -6.19 0.89 12.51
N GLY A 192 -5.59 2.05 12.73
CA GLY A 192 -6.26 3.16 13.37
C GLY A 192 -6.50 3.01 14.86
N THR A 193 -5.97 1.96 15.49
CA THR A 193 -6.27 1.65 16.88
C THR A 193 -5.20 2.14 17.85
N GLY A 194 -4.06 2.59 17.36
CA GLY A 194 -2.94 2.90 18.24
C GLY A 194 -2.25 1.68 18.80
N LYS A 195 -2.60 0.51 18.30
CA LYS A 195 -1.93 -0.75 18.71
C LYS A 195 -1.08 -1.24 17.54
N VAL A 196 0.22 -1.00 17.61
CA VAL A 196 1.12 -1.40 16.53
C VAL A 196 1.58 -2.84 16.78
N ALA A 197 1.82 -3.57 15.70
CA ALA A 197 2.54 -4.83 15.81
C ALA A 197 3.95 -4.57 16.32
N THR A 198 4.43 -5.42 17.23
CA THR A 198 5.79 -5.28 17.67
C THR A 198 6.74 -5.62 16.53
N PRO A 199 8.03 -5.28 16.65
CA PRO A 199 8.97 -5.69 15.58
C PRO A 199 9.00 -7.20 15.38
N GLU A 200 8.94 -7.98 16.46
CA GLU A 200 8.91 -9.44 16.32
C GLU A 200 7.66 -9.88 15.57
N GLN A 201 6.50 -9.34 15.94
CA GLN A 201 5.26 -9.78 15.30
C GLN A 201 5.27 -9.45 13.81
N ALA A 202 5.67 -8.23 13.48
CA ALA A 202 5.66 -7.83 12.07
C ALA A 202 6.71 -8.61 11.29
N GLN A 203 7.92 -8.75 11.85
CA GLN A 203 8.97 -9.49 11.15
C GLN A 203 8.54 -10.93 10.88
N GLU A 204 7.89 -11.58 11.84
CA GLU A 204 7.48 -12.96 11.61
C GLU A 204 6.49 -13.07 10.44
N VAL A 205 5.52 -12.16 10.37
CA VAL A 205 4.56 -12.21 9.26
C VAL A 205 5.27 -11.93 7.95
N HIS A 206 6.14 -10.91 7.91
CA HIS A 206 6.81 -10.58 6.65
C HIS A 206 7.68 -11.73 6.17
N ALA A 207 8.37 -12.39 7.09
CA ALA A 207 9.16 -13.56 6.72
C ALA A 207 8.27 -14.66 6.16
N ALA A 208 7.10 -14.87 6.76
CA ALA A 208 6.18 -15.90 6.27
C ALA A 208 5.63 -15.54 4.89
N ILE A 209 5.32 -14.27 4.66
CA ILE A 209 4.86 -13.83 3.34
C ILE A 209 5.94 -14.08 2.31
N ARG A 210 7.18 -13.69 2.63
CA ARG A 210 8.26 -13.86 1.66
C ARG A 210 8.53 -15.33 1.39
N LYS A 211 8.44 -16.17 2.43
CA LYS A 211 8.58 -17.60 2.24
C LYS A 211 7.48 -18.15 1.35
N TRP A 212 6.24 -17.67 1.55
CA TRP A 212 5.14 -18.09 0.70
C TRP A 212 5.42 -17.73 -0.76
N LEU A 213 5.91 -16.51 -1.01
CA LEU A 213 6.24 -16.12 -2.38
C LEU A 213 7.30 -17.03 -2.97
N ALA A 214 8.32 -17.38 -2.17
CA ALA A 214 9.41 -18.19 -2.69
C ALA A 214 8.91 -19.57 -3.11
N SER A 215 8.04 -20.19 -2.30
CA SER A 215 7.56 -21.54 -2.58
C SER A 215 6.47 -21.55 -3.63
N ASN A 216 5.68 -20.50 -3.74
CA ASN A 216 4.50 -20.55 -4.58
C ASN A 216 4.61 -19.76 -5.87
N VAL A 217 5.49 -18.76 -5.93
CA VAL A 217 5.64 -17.93 -7.12
C VAL A 217 7.05 -18.14 -7.69
N SER A 218 8.07 -17.62 -7.02
CA SER A 218 9.47 -17.91 -7.36
C SER A 218 10.38 -17.26 -6.31
N ALA A 219 11.60 -17.79 -6.22
CA ALA A 219 12.60 -17.20 -5.34
C ALA A 219 12.92 -15.77 -5.76
N GLU A 220 12.92 -15.52 -7.06
N GLU A 220 12.91 -15.51 -7.05
CA GLU A 220 13.19 -14.18 -7.57
CA GLU A 220 13.18 -14.17 -7.55
C GLU A 220 12.12 -13.20 -7.13
C GLU A 220 12.11 -13.20 -7.06
N VAL A 221 10.84 -13.58 -7.23
CA VAL A 221 9.76 -12.72 -6.75
C VAL A 221 9.88 -12.48 -5.25
N ALA A 222 10.22 -13.52 -4.49
CA ALA A 222 10.35 -13.37 -3.03
C ALA A 222 11.45 -12.39 -2.66
N GLU A 223 12.60 -12.45 -3.35
N GLU A 223 12.59 -12.44 -3.36
CA GLU A 223 13.73 -11.56 -2.98
CA GLU A 223 13.72 -11.57 -2.99
C GLU A 223 13.50 -10.13 -3.48
C GLU A 223 13.49 -10.13 -3.46
N SER A 224 12.69 -9.94 -4.52
N SER A 224 12.70 -9.94 -4.52
CA SER A 224 12.51 -8.57 -5.11
CA SER A 224 12.52 -8.57 -5.10
C SER A 224 11.28 -7.82 -4.62
C SER A 224 11.27 -7.82 -4.63
N THR A 225 10.26 -8.54 -4.13
CA THR A 225 9.00 -7.87 -3.74
C THR A 225 9.08 -7.12 -2.42
N ARG A 226 8.74 -5.83 -2.44
CA ARG A 226 8.66 -5.09 -1.20
C ARG A 226 7.43 -5.56 -0.42
N ILE A 227 7.64 -5.84 0.86
CA ILE A 227 6.56 -6.14 1.78
C ILE A 227 6.60 -5.06 2.85
N ILE A 228 5.57 -4.20 2.84
CA ILE A 228 5.52 -3.06 3.74
C ILE A 228 4.51 -3.32 4.85
N TYR A 229 4.78 -2.76 6.02
CA TYR A 229 3.92 -2.93 7.19
C TYR A 229 3.04 -1.69 7.37
N GLY A 230 1.78 -1.91 7.73
CA GLY A 230 0.89 -0.82 8.09
C GLY A 230 0.04 -1.17 9.29
N GLY A 231 -0.31 -0.15 10.06
CA GLY A 231 -1.16 -0.30 11.24
C GLY A 231 -0.53 0.36 12.45
N SER A 232 -0.89 1.63 12.68
CA SER A 232 -0.42 2.43 13.82
C SER A 232 1.08 2.70 13.81
N VAL A 233 1.68 2.75 12.61
CA VAL A 233 3.05 3.24 12.50
C VAL A 233 3.08 4.72 12.88
N ASN A 234 4.10 5.11 13.63
CA ASN A 234 4.27 6.51 13.99
C ASN A 234 5.75 6.83 13.97
N GLY A 235 6.07 8.10 14.25
CA GLY A 235 7.47 8.52 14.22
C GLY A 235 8.35 7.84 15.25
N SER A 236 7.76 7.29 16.32
CA SER A 236 8.54 6.66 17.37
C SER A 236 8.83 5.19 17.10
N ASN A 237 7.82 4.43 16.64
CA ASN A 237 7.99 3.00 16.44
C ASN A 237 8.54 2.66 15.07
N CYS A 238 8.64 3.63 14.16
CA CYS A 238 9.04 3.31 12.79
C CYS A 238 10.49 2.86 12.67
N ALA A 239 11.40 3.38 13.50
CA ALA A 239 12.82 3.06 13.34
C ALA A 239 13.09 1.57 13.55
N GLU A 240 12.56 1.00 14.64
CA GLU A 240 12.84 -0.41 14.92
C GLU A 240 12.12 -1.34 13.95
N LEU A 241 10.93 -0.97 13.49
CA LEU A 241 10.28 -1.76 12.45
C LEU A 241 11.09 -1.75 11.16
N ALA A 242 11.63 -0.59 10.78
CA ALA A 242 12.38 -0.49 9.54
C ALA A 242 13.67 -1.30 9.58
N LYS A 243 14.17 -1.61 10.78
CA LYS A 243 15.38 -2.41 10.91
C LYS A 243 15.13 -3.90 10.69
N GLN A 244 13.88 -4.35 10.65
CA GLN A 244 13.62 -5.77 10.52
C GLN A 244 13.95 -6.24 9.10
N PRO A 245 14.59 -7.40 8.95
CA PRO A 245 15.15 -7.77 7.64
C PRO A 245 14.12 -8.02 6.56
N ASP A 246 12.87 -8.30 6.88
CA ASP A 246 11.86 -8.54 5.87
C ASP A 246 10.82 -7.45 5.77
N ILE A 247 11.02 -6.32 6.47
CA ILE A 247 10.13 -5.17 6.41
C ILE A 247 10.77 -4.13 5.49
N ASP A 248 10.08 -3.82 4.38
CA ASP A 248 10.62 -2.96 3.34
C ASP A 248 10.02 -1.57 3.35
N GLY A 249 9.29 -1.19 4.38
CA GLY A 249 8.66 0.11 4.41
C GLY A 249 7.31 0.05 5.07
N PHE A 250 6.50 1.08 4.81
CA PHE A 250 5.28 1.26 5.57
C PHE A 250 4.15 1.73 4.67
N LEU A 251 2.93 1.31 5.01
CA LEU A 251 1.71 1.94 4.53
C LEU A 251 1.12 2.69 5.72
N VAL A 252 0.98 4.00 5.60
CA VAL A 252 0.68 4.87 6.73
C VAL A 252 -0.70 5.48 6.51
N GLY A 253 -1.59 5.29 7.48
CA GLY A 253 -2.91 5.89 7.44
C GLY A 253 -2.93 7.24 8.12
N GLY A 254 -3.41 7.26 9.37
CA GLY A 254 -3.63 8.55 10.05
C GLY A 254 -2.39 9.40 10.17
N ALA A 255 -1.22 8.78 10.37
CA ALA A 255 -0.02 9.60 10.50
C ALA A 255 0.41 10.24 9.20
N SER A 256 -0.12 9.79 8.05
CA SER A 256 0.26 10.47 6.82
C SER A 256 -0.38 11.85 6.70
N LEU A 257 -1.33 12.18 7.57
CA LEU A 257 -1.93 13.52 7.61
C LEU A 257 -1.19 14.46 8.57
N LYS A 258 -0.10 13.96 9.12
CA LYS A 258 0.64 14.70 10.18
C LYS A 258 2.10 14.94 9.77
N PRO A 259 2.77 15.94 10.37
CA PRO A 259 4.16 16.19 10.05
C PRO A 259 5.10 14.98 10.28
N GLU A 260 4.74 14.12 11.22
CA GLU A 260 5.60 12.94 11.54
C GLU A 260 5.67 12.01 10.32
N PHE A 261 4.77 12.19 9.35
CA PHE A 261 4.92 11.39 8.14
C PHE A 261 6.33 11.51 7.56
N VAL A 262 6.93 12.69 7.68
CA VAL A 262 8.30 12.90 7.19
C VAL A 262 9.27 12.01 7.95
N ASP A 263 9.09 11.90 9.26
CA ASP A 263 9.98 11.05 10.04
C ASP A 263 9.81 9.58 9.67
N ILE A 264 8.60 9.17 9.28
CA ILE A 264 8.38 7.79 8.85
C ILE A 264 9.06 7.52 7.52
N ILE A 265 8.92 8.43 6.55
CA ILE A 265 9.69 8.31 5.31
C ILE A 265 11.17 8.16 5.62
N ASN A 266 11.65 8.92 6.61
CA ASN A 266 13.06 8.93 6.99
C ASN A 266 13.38 7.93 8.09
N ALA A 267 12.63 6.82 8.17
CA ALA A 267 12.79 5.88 9.27
C ALA A 267 14.17 5.26 9.32
N LYS A 268 14.82 5.05 8.17
CA LYS A 268 16.18 4.54 8.17
C LYS A 268 17.22 5.65 8.32
N LYS A 269 16.75 6.83 8.71
CA LYS A 269 17.59 8.01 8.92
C LYS A 269 17.95 8.62 7.56
#